data_5HRK
#
_entry.id   5HRK
#
_cell.length_a   106.726
_cell.length_b   87.196
_cell.length_c   82.616
_cell.angle_alpha   90.00
_cell.angle_beta   97.59
_cell.angle_gamma   90.00
#
_symmetry.space_group_name_H-M   'C 1 2 1'
#
loop_
_entity.id
_entity.type
_entity.pdbx_description
1 polymer 'DNA polymerase beta-like protein'
2 polymer "DNA (5'-D(*GP*TP*GP*AP*GP*TP*AP*CP*A)-3')"
3 polymer "DNA (5'-D(*CP*GP*TP*TP*CP*TP*AP*TP*GP*TP*GP*TP*AP*CP*TP*CP*AP*C)-3')"
4 polymer "DNA (5'-D(P*AP*TP*AP*GP*AP*AP*CP*G)-3')"
5 non-polymer "2'-DEOXYGUANOSINE-5'-TRIPHOSPHATE"
6 non-polymer 'MANGANESE (II) ION'
7 non-polymer 'SULFATE ION'
8 water water
#
loop_
_entity_poly.entity_id
_entity_poly.type
_entity_poly.pdbx_seq_one_letter_code
_entity_poly.pdbx_strand_id
1 'polypeptide(L)'
;SGGGMLTLIQGKKIVNHLRSRLAFEYNGQLIKILSKNIVAVGSLRREEKMLNDVDLLIIVPEKKLLKHVLPNIRIKGLSF
SVKVCGERKCVLFIEWEKKTYQLDLFTALAEEKPYAIFFFTGPVSYLIRIRAALKKKNYKLNQYGLFKNQTLVPLKITTE
KELIKELGFTYRIPKKRL
;
A,B
2 'polydeoxyribonucleotide' (DG)(DT)(DG)(DA)(DG)(DT)(DA)(DC)(DA) F,C
3 'polydeoxyribonucleotide' (DC)(DG)(DT)(DT)(DC)(DT)(DA)(DT)(DG)(DT)(DG)(DT)(DA)(DC)(DT)(DC)(DA)(DC) H,E
4 'polydeoxyribonucleotide' (DA)(DT)(DA)(DG)(DA)(DA)(DC)(DG) G,D
#
loop_
_chem_comp.id
_chem_comp.type
_chem_comp.name
_chem_comp.formula
DA DNA linking 2'-DEOXYADENOSINE-5'-MONOPHOSPHATE 'C10 H14 N5 O6 P'
DC DNA linking 2'-DEOXYCYTIDINE-5'-MONOPHOSPHATE 'C9 H14 N3 O7 P'
DG DNA linking 2'-DEOXYGUANOSINE-5'-MONOPHOSPHATE 'C10 H14 N5 O7 P'
DGT non-polymer 2'-DEOXYGUANOSINE-5'-TRIPHOSPHATE 'C10 H16 N5 O13 P3'
DT DNA linking THYMIDINE-5'-MONOPHOSPHATE 'C10 H15 N2 O8 P'
MN non-polymer 'MANGANESE (II) ION' 'Mn 2'
SO4 non-polymer 'SULFATE ION' 'O4 S -2'
#
# COMPACT_ATOMS: atom_id res chain seq x y z
N MET A 5 -2.44 -7.69 -0.76
CA MET A 5 -1.17 -7.02 -1.10
C MET A 5 0.00 -7.98 -1.03
N LEU A 6 1.10 -7.65 -1.72
CA LEU A 6 2.22 -8.57 -1.88
C LEU A 6 3.48 -7.74 -2.15
N THR A 7 4.65 -8.28 -1.80
CA THR A 7 5.83 -7.42 -1.91
C THR A 7 6.56 -7.56 -3.24
N LEU A 8 7.50 -6.62 -3.45
CA LEU A 8 8.28 -6.62 -4.68
C LEU A 8 9.08 -7.88 -4.80
N ILE A 9 9.47 -8.46 -3.67
CA ILE A 9 10.12 -9.76 -3.70
C ILE A 9 9.13 -10.83 -4.16
N GLN A 10 7.93 -10.85 -3.59
CA GLN A 10 6.88 -11.77 -4.05
C GLN A 10 6.62 -11.57 -5.53
N GLY A 11 6.25 -10.34 -5.90
CA GLY A 11 5.99 -10.05 -7.30
C GLY A 11 7.07 -10.54 -8.23
N LYS A 12 8.33 -10.17 -7.94
CA LYS A 12 9.42 -10.58 -8.82
C LYS A 12 9.43 -12.09 -9.02
N LYS A 13 9.24 -12.83 -7.93
CA LYS A 13 9.15 -14.29 -8.03
C LYS A 13 7.98 -14.69 -8.92
N ILE A 14 6.82 -14.05 -8.74
CA ILE A 14 5.65 -14.48 -9.49
C ILE A 14 5.85 -14.20 -10.96
N VAL A 15 6.29 -12.99 -11.29
CA VAL A 15 6.45 -12.67 -12.70
C VAL A 15 7.50 -13.58 -13.33
N ASN A 16 8.54 -13.95 -12.59
CA ASN A 16 9.55 -14.79 -13.21
C ASN A 16 9.01 -16.19 -13.53
N HIS A 17 8.16 -16.76 -12.65
CA HIS A 17 7.60 -18.08 -12.92
C HIS A 17 6.71 -18.04 -14.15
N LEU A 18 5.90 -17.00 -14.29
CA LEU A 18 4.94 -16.95 -15.37
C LEU A 18 5.64 -16.96 -16.73
N ARG A 19 6.88 -16.47 -16.81
CA ARG A 19 7.44 -16.26 -18.14
C ARG A 19 7.93 -17.55 -18.77
N SER A 20 7.95 -18.64 -18.02
CA SER A 20 7.96 -19.94 -18.65
C SER A 20 6.58 -20.31 -19.17
N ARG A 21 5.54 -19.86 -18.49
CA ARG A 21 4.25 -20.54 -18.52
C ARG A 21 3.14 -19.75 -19.22
N LEU A 22 3.45 -18.89 -20.18
CA LEU A 22 2.35 -18.22 -20.87
C LEU A 22 2.30 -18.53 -22.35
N ALA A 23 1.06 -18.53 -22.85
CA ALA A 23 0.67 -18.97 -24.17
C ALA A 23 -0.84 -18.78 -24.27
N PHE A 24 -1.31 -18.76 -25.52
CA PHE A 24 -2.72 -18.68 -25.84
C PHE A 24 -3.08 -19.81 -26.79
N GLU A 25 -4.37 -20.18 -26.78
CA GLU A 25 -4.91 -21.25 -27.63
C GLU A 25 -5.51 -20.63 -28.87
N TYR A 26 -4.78 -20.68 -29.98
CA TYR A 26 -5.24 -20.18 -31.27
C TYR A 26 -5.78 -21.37 -32.05
N ASN A 27 -7.11 -21.55 -32.02
CA ASN A 27 -7.83 -22.61 -32.73
C ASN A 27 -7.18 -24.00 -32.62
N GLY A 28 -7.17 -24.56 -31.41
CA GLY A 28 -6.63 -25.88 -31.10
C GLY A 28 -5.22 -25.90 -30.51
N GLN A 29 -4.23 -26.19 -31.35
CA GLN A 29 -2.84 -26.16 -30.91
C GLN A 29 -2.50 -24.77 -30.41
N LEU A 30 -1.95 -24.69 -29.19
CA LEU A 30 -1.75 -23.42 -28.52
C LEU A 30 -0.34 -22.88 -28.74
N ILE A 31 -0.26 -21.61 -29.14
CA ILE A 31 0.99 -21.02 -29.61
C ILE A 31 1.65 -20.31 -28.43
N LYS A 32 2.94 -20.56 -28.24
CA LYS A 32 3.63 -20.20 -27.01
C LYS A 32 4.05 -18.73 -27.05
N ILE A 33 3.61 -17.97 -26.04
CA ILE A 33 3.95 -16.56 -25.90
C ILE A 33 5.42 -16.43 -25.49
N LEU A 34 6.23 -15.84 -26.36
CA LEU A 34 7.66 -15.81 -26.12
C LEU A 34 7.98 -14.69 -25.14
N SER A 35 8.89 -14.96 -24.20
CA SER A 35 9.03 -14.06 -23.06
C SER A 35 9.84 -12.83 -23.41
N LYS A 36 10.68 -12.92 -24.43
CA LYS A 36 11.31 -11.72 -24.96
C LYS A 36 10.26 -10.71 -25.45
N ASN A 37 8.96 -11.06 -25.36
CA ASN A 37 7.86 -10.25 -25.85
C ASN A 37 6.89 -9.87 -24.73
N ILE A 38 7.32 -10.00 -23.48
CA ILE A 38 6.51 -9.63 -22.33
C ILE A 38 7.33 -8.74 -21.41
N VAL A 39 6.69 -7.73 -20.82
CA VAL A 39 7.43 -6.68 -20.12
C VAL A 39 6.71 -6.27 -18.84
N ALA A 40 7.35 -6.49 -17.69
CA ALA A 40 6.80 -6.07 -16.40
C ALA A 40 6.70 -4.56 -16.29
N VAL A 41 5.54 -4.07 -15.82
CA VAL A 41 5.18 -2.64 -15.86
C VAL A 41 4.37 -2.27 -14.62
N GLY A 42 3.92 -1.01 -14.56
CA GLY A 42 3.30 -0.56 -13.32
C GLY A 42 4.30 -0.70 -12.16
N SER A 43 3.77 -0.64 -10.94
CA SER A 43 4.57 -0.69 -9.71
C SER A 43 5.81 -1.57 -9.77
N LEU A 44 5.66 -2.79 -10.30
CA LEU A 44 6.81 -3.69 -10.32
C LEU A 44 7.94 -3.12 -11.17
N ARG A 45 7.62 -2.45 -12.29
CA ARG A 45 8.73 -1.91 -13.07
C ARG A 45 9.31 -0.67 -12.39
N ARG A 46 8.48 0.11 -11.68
CA ARG A 46 8.98 1.19 -10.82
C ARG A 46 9.64 0.67 -9.55
N GLU A 47 9.63 -0.63 -9.30
CA GLU A 47 10.33 -1.21 -8.17
C GLU A 47 9.89 -0.62 -6.82
N GLU A 48 8.60 -0.25 -6.70
CA GLU A 48 8.05 0.10 -5.39
C GLU A 48 8.19 -1.06 -4.40
N LYS A 49 8.27 -0.71 -3.11
CA LYS A 49 8.52 -1.75 -2.10
C LYS A 49 7.33 -2.69 -2.01
N MET A 50 6.12 -2.13 -2.02
CA MET A 50 4.87 -2.87 -1.87
C MET A 50 3.97 -2.79 -3.11
N LEU A 51 3.42 -3.95 -3.50
CA LEU A 51 2.66 -4.14 -4.73
C LEU A 51 1.18 -4.40 -4.42
N ASN A 52 0.27 -3.73 -5.17
CA ASN A 52 -1.15 -4.08 -5.11
C ASN A 52 -1.56 -5.17 -6.09
N ASP A 53 -0.91 -5.21 -7.26
CA ASP A 53 -1.23 -6.15 -8.33
C ASP A 53 -0.06 -6.11 -9.31
N VAL A 54 0.07 -7.17 -10.10
CA VAL A 54 1.09 -7.26 -11.13
C VAL A 54 0.48 -6.96 -12.49
N ASP A 55 1.08 -6.02 -13.20
CA ASP A 55 0.50 -5.48 -14.42
C ASP A 55 1.46 -5.81 -15.54
N LEU A 56 0.95 -6.42 -16.61
CA LEU A 56 1.87 -6.92 -17.60
C LEU A 56 1.46 -6.53 -19.01
N LEU A 57 2.45 -6.39 -19.88
CA LEU A 57 2.21 -5.78 -21.17
C LEU A 57 2.76 -6.73 -22.19
N ILE A 58 1.85 -7.34 -22.96
CA ILE A 58 2.16 -8.38 -23.95
C ILE A 58 2.23 -7.69 -25.30
N ILE A 59 3.30 -7.94 -26.04
CA ILE A 59 3.41 -7.32 -27.35
C ILE A 59 3.15 -8.37 -28.44
N VAL A 60 2.01 -8.20 -29.11
CA VAL A 60 1.50 -8.94 -30.25
C VAL A 60 2.23 -8.60 -31.55
N PRO A 61 2.53 -9.57 -32.39
CA PRO A 61 3.25 -9.28 -33.64
C PRO A 61 2.41 -9.20 -34.93
N GLU A 62 1.09 -9.42 -34.87
CA GLU A 62 0.20 -9.05 -35.97
C GLU A 62 -1.16 -8.68 -35.39
N LYS A 63 -1.83 -7.70 -36.00
CA LYS A 63 -3.05 -7.17 -35.38
C LYS A 63 -4.13 -8.23 -35.27
N LYS A 64 -4.20 -9.17 -36.20
CA LYS A 64 -5.36 -10.05 -36.24
C LYS A 64 -5.23 -11.23 -35.27
N LEU A 65 -4.34 -11.15 -34.28
CA LEU A 65 -4.35 -12.11 -33.20
C LEU A 65 -4.95 -11.51 -31.94
N LEU A 66 -5.25 -10.21 -31.96
CA LEU A 66 -5.84 -9.58 -30.79
C LEU A 66 -7.23 -10.15 -30.53
N LYS A 67 -7.89 -10.65 -31.57
CA LYS A 67 -9.16 -11.35 -31.39
C LYS A 67 -9.01 -12.58 -30.50
N HIS A 68 -7.78 -13.09 -30.32
CA HIS A 68 -7.53 -14.39 -29.70
C HIS A 68 -6.64 -14.31 -28.48
N VAL A 69 -5.74 -13.32 -28.45
CA VAL A 69 -4.53 -13.31 -27.65
C VAL A 69 -4.78 -12.84 -26.22
N LEU A 70 -5.99 -12.46 -25.89
CA LEU A 70 -6.22 -12.40 -24.45
C LEU A 70 -7.41 -13.21 -23.95
N PRO A 71 -8.53 -13.32 -24.67
CA PRO A 71 -9.63 -14.14 -24.14
C PRO A 71 -9.43 -15.64 -24.25
N ASN A 72 -8.45 -16.13 -25.01
CA ASN A 72 -8.08 -17.55 -24.98
C ASN A 72 -6.72 -17.79 -24.31
N ILE A 73 -6.44 -17.15 -23.13
CA ILE A 73 -5.11 -17.18 -22.53
C ILE A 73 -4.97 -18.27 -21.48
N ARG A 74 -3.78 -18.90 -21.43
CA ARG A 74 -3.49 -19.89 -20.41
C ARG A 74 -2.14 -19.64 -19.76
N ILE A 75 -2.07 -20.02 -18.49
CA ILE A 75 -0.85 -19.98 -17.69
C ILE A 75 -0.63 -21.40 -17.27
N LYS A 76 0.48 -21.98 -17.68
CA LYS A 76 0.69 -23.40 -17.48
C LYS A 76 0.85 -23.72 -16.00
N GLY A 77 0.25 -24.81 -15.59
CA GLY A 77 0.46 -25.34 -14.26
C GLY A 77 0.14 -24.38 -13.14
N LEU A 78 -0.94 -23.61 -13.25
CA LEU A 78 -1.28 -22.87 -12.05
C LEU A 78 -2.72 -22.36 -12.22
N SER A 79 -3.45 -22.32 -11.11
CA SER A 79 -4.85 -21.94 -11.10
C SER A 79 -5.06 -20.45 -11.31
N PHE A 80 -6.20 -20.11 -11.92
CA PHE A 80 -6.62 -18.71 -11.94
C PHE A 80 -8.08 -18.60 -12.36
N SER A 81 -8.72 -17.53 -11.87
CA SER A 81 -10.07 -17.13 -12.25
C SER A 81 -10.09 -15.73 -12.90
N VAL A 82 -10.89 -15.59 -13.96
CA VAL A 82 -10.94 -14.39 -14.81
C VAL A 82 -12.12 -13.54 -14.35
N LYS A 83 -11.92 -12.23 -14.25
CA LYS A 83 -13.04 -11.37 -13.91
C LYS A 83 -13.46 -10.52 -15.11
N VAL A 84 -12.50 -10.19 -15.98
CA VAL A 84 -12.68 -9.45 -17.23
C VAL A 84 -11.56 -9.73 -18.21
N CYS A 85 -11.89 -9.58 -19.50
CA CYS A 85 -10.98 -9.87 -20.59
C CYS A 85 -11.50 -9.17 -21.84
N GLY A 86 -10.59 -8.92 -22.77
CA GLY A 86 -10.90 -8.20 -23.98
C GLY A 86 -9.74 -8.35 -24.94
N GLU A 87 -9.75 -7.58 -26.01
CA GLU A 87 -8.61 -7.65 -26.91
C GLU A 87 -7.35 -7.08 -26.26
N ARG A 88 -7.48 -6.06 -25.39
CA ARG A 88 -6.32 -5.31 -24.91
C ARG A 88 -6.20 -5.19 -23.41
N LYS A 89 -7.21 -5.56 -22.65
CA LYS A 89 -7.07 -5.56 -21.21
C LYS A 89 -7.72 -6.80 -20.60
N CYS A 90 -7.08 -7.46 -19.66
CA CYS A 90 -7.59 -8.72 -19.17
C CYS A 90 -7.10 -8.86 -17.75
N VAL A 91 -8.02 -8.94 -16.80
CA VAL A 91 -7.71 -8.94 -15.37
C VAL A 91 -7.99 -10.34 -14.84
N LEU A 92 -7.05 -10.88 -14.06
CA LEU A 92 -7.13 -12.24 -13.56
C LEU A 92 -6.74 -12.28 -12.10
N PHE A 93 -7.32 -13.21 -11.36
CA PHE A 93 -6.85 -13.52 -10.02
C PHE A 93 -6.12 -14.85 -10.05
N ILE A 94 -5.11 -14.96 -9.19
CA ILE A 94 -4.20 -16.09 -9.21
C ILE A 94 -4.33 -16.80 -7.88
N GLU A 95 -3.85 -18.04 -7.85
CA GLU A 95 -3.71 -18.79 -6.60
C GLU A 95 -2.22 -19.09 -6.50
N TRP A 96 -1.50 -18.30 -5.71
CA TRP A 96 -0.06 -18.50 -5.53
C TRP A 96 0.21 -18.83 -4.07
N GLU A 97 0.96 -19.91 -3.85
CA GLU A 97 1.15 -20.41 -2.51
C GLU A 97 -0.26 -20.67 -2.02
N LYS A 98 -0.60 -20.16 -0.83
CA LYS A 98 -1.97 -20.17 -0.37
C LYS A 98 -2.62 -18.86 -0.81
N LYS A 99 -1.86 -18.02 -1.52
CA LYS A 99 -2.28 -16.66 -1.74
C LYS A 99 -3.23 -16.55 -2.91
N THR A 100 -4.18 -15.63 -2.77
CA THR A 100 -4.91 -15.07 -3.90
C THR A 100 -4.39 -13.67 -4.22
N TYR A 101 -3.94 -13.46 -5.46
CA TYR A 101 -3.41 -12.17 -5.90
C TYR A 101 -3.98 -11.84 -7.28
N GLN A 102 -3.98 -10.55 -7.65
CA GLN A 102 -4.59 -10.08 -8.90
C GLN A 102 -3.55 -9.71 -9.95
N LEU A 103 -3.83 -10.07 -11.21
CA LEU A 103 -2.90 -9.95 -12.33
C LEU A 103 -3.57 -9.20 -13.48
N ASP A 104 -3.14 -7.98 -13.76
CA ASP A 104 -3.64 -7.33 -14.96
C ASP A 104 -2.74 -7.70 -16.14
N LEU A 105 -3.34 -7.74 -17.32
CA LEU A 105 -2.57 -7.91 -18.55
C LEU A 105 -3.07 -6.97 -19.64
N PHE A 106 -2.15 -6.61 -20.51
CA PHE A 106 -2.35 -5.56 -21.49
C PHE A 106 -1.54 -5.85 -22.73
N THR A 107 -2.06 -5.43 -23.86
CA THR A 107 -1.44 -5.74 -25.13
C THR A 107 -1.22 -4.47 -25.95
N ALA A 108 -0.17 -4.52 -26.77
CA ALA A 108 0.07 -3.51 -27.80
C ALA A 108 0.92 -4.15 -28.90
N LEU A 109 0.78 -3.66 -30.12
CA LEU A 109 1.63 -4.21 -31.18
C LEU A 109 2.99 -3.52 -31.16
N ALA A 110 3.98 -4.19 -31.77
CA ALA A 110 5.36 -3.74 -31.62
C ALA A 110 5.52 -2.28 -32.04
N GLU A 111 4.73 -1.84 -33.01
CA GLU A 111 4.72 -0.43 -33.36
C GLU A 111 4.41 0.45 -32.14
N GLU A 112 3.71 -0.09 -31.14
CA GLU A 112 3.26 0.65 -29.97
C GLU A 112 4.19 0.54 -28.75
N LYS A 113 5.19 -0.40 -28.77
CA LYS A 113 5.93 -0.79 -27.56
C LYS A 113 6.25 0.33 -26.57
N PRO A 114 7.09 1.32 -26.84
CA PRO A 114 7.43 2.26 -25.79
C PRO A 114 6.27 3.07 -25.27
N TYR A 115 5.31 3.40 -26.13
CA TYR A 115 4.21 4.19 -25.62
C TYR A 115 3.32 3.39 -24.70
N ALA A 116 3.13 2.10 -25.00
CA ALA A 116 2.41 1.24 -24.06
C ALA A 116 3.16 1.15 -22.74
N ILE A 117 4.49 0.95 -22.79
CA ILE A 117 5.24 0.90 -21.55
C ILE A 117 5.19 2.24 -20.86
N PHE A 118 5.45 3.32 -21.58
CA PHE A 118 5.41 4.58 -20.87
C PHE A 118 4.04 4.80 -20.24
N PHE A 119 2.97 4.57 -21.01
CA PHE A 119 1.63 4.73 -20.44
C PHE A 119 1.40 3.77 -19.26
N PHE A 120 1.85 2.54 -19.38
CA PHE A 120 1.47 1.55 -18.38
C PHE A 120 2.38 1.45 -17.17
N THR A 121 3.58 2.04 -17.18
CA THR A 121 4.39 1.96 -15.97
C THR A 121 3.90 2.89 -14.89
N GLY A 122 3.18 3.93 -15.28
CA GLY A 122 2.68 4.88 -14.34
C GLY A 122 3.87 5.69 -13.92
N PRO A 123 3.78 6.33 -12.75
CA PRO A 123 2.60 6.21 -11.90
C PRO A 123 1.42 6.97 -12.37
N VAL A 124 0.30 6.86 -11.66
CA VAL A 124 -0.92 7.55 -12.05
C VAL A 124 -0.74 9.07 -12.04
N SER A 125 -0.05 9.56 -11.01
CA SER A 125 0.19 10.99 -10.88
C SER A 125 1.03 11.52 -12.03
N TYR A 126 2.04 10.76 -12.41
CA TYR A 126 2.93 11.17 -13.50
C TYR A 126 2.19 11.28 -14.83
N LEU A 127 1.31 10.32 -15.09
CA LEU A 127 0.52 10.32 -16.31
C LEU A 127 -0.40 11.53 -16.36
N ILE A 128 -1.01 11.84 -15.22
CA ILE A 128 -1.92 12.99 -15.12
C ILE A 128 -1.19 14.30 -15.37
N ARG A 129 0.03 14.45 -14.85
CA ARG A 129 0.83 15.64 -15.08
C ARG A 129 1.28 15.79 -16.50
N ILE A 130 1.80 14.70 -17.01
CA ILE A 130 2.55 14.75 -18.23
C ILE A 130 1.69 15.10 -19.40
N ARG A 131 0.47 14.58 -19.39
CA ARG A 131 -0.46 14.90 -20.45
C ARG A 131 -0.85 16.38 -20.49
N ALA A 132 -1.23 16.99 -19.37
CA ALA A 132 -1.61 18.40 -19.44
C ALA A 132 -0.61 19.21 -20.26
N ALA A 133 0.67 18.92 -20.09
CA ALA A 133 1.72 19.65 -20.78
C ALA A 133 1.43 19.70 -22.27
N LEU A 134 1.14 18.55 -22.89
CA LEU A 134 0.96 18.53 -24.35
C LEU A 134 -0.44 18.96 -24.79
N LYS A 135 -1.48 18.72 -23.97
CA LYS A 135 -2.78 19.30 -24.28
C LYS A 135 -2.64 20.82 -24.41
N LYS A 136 -1.80 21.42 -23.58
CA LYS A 136 -1.48 22.84 -23.76
C LYS A 136 -0.83 23.08 -25.13
N LYS A 137 -0.01 22.14 -25.62
CA LYS A 137 0.50 22.23 -26.97
C LYS A 137 -0.43 21.54 -27.98
N ASN A 138 -1.66 21.25 -27.55
CA ASN A 138 -2.71 20.58 -28.33
C ASN A 138 -2.20 19.33 -29.05
N TYR A 139 -1.52 18.47 -28.29
CA TYR A 139 -1.19 17.12 -28.72
C TYR A 139 -1.88 16.16 -27.75
N LYS A 140 -1.86 14.88 -28.09
CA LYS A 140 -2.52 13.85 -27.28
C LYS A 140 -1.63 12.62 -27.33
N LEU A 141 -1.34 12.05 -26.16
CA LEU A 141 -0.53 10.85 -26.02
C LEU A 141 -1.31 9.76 -25.30
N ASN A 142 -1.24 8.54 -25.82
CA ASN A 142 -2.03 7.40 -25.35
C ASN A 142 -1.23 6.12 -25.46
N GLN A 143 -1.84 5.01 -24.99
CA GLN A 143 -1.26 3.67 -25.11
C GLN A 143 -0.57 3.52 -26.45
N TYR A 144 -1.23 4.01 -27.49
CA TYR A 144 -0.95 3.66 -28.87
C TYR A 144 -0.07 4.66 -29.60
N GLY A 145 -0.14 5.95 -29.28
CA GLY A 145 0.56 6.90 -30.11
C GLY A 145 0.68 8.28 -29.51
N LEU A 146 1.21 9.18 -30.32
CA LEU A 146 1.13 10.62 -30.13
C LEU A 146 0.39 11.21 -31.32
N PHE A 147 -0.58 12.07 -31.04
CA PHE A 147 -1.42 12.64 -32.09
C PHE A 147 -1.75 14.11 -31.86
N LYS A 148 -2.01 14.79 -32.97
CA LYS A 148 -2.47 16.16 -33.00
C LYS A 148 -3.72 16.33 -33.87
N ASN A 149 -4.79 16.88 -33.32
CA ASN A 149 -5.90 17.32 -34.14
C ASN A 149 -6.39 16.20 -35.07
N GLN A 150 -6.42 14.98 -34.55
CA GLN A 150 -6.92 13.83 -35.29
C GLN A 150 -5.93 13.14 -36.26
N THR A 151 -4.66 13.58 -36.29
CA THR A 151 -3.70 12.83 -37.05
C THR A 151 -2.50 12.46 -36.26
N LEU A 152 -2.12 11.21 -36.36
CA LEU A 152 -0.97 10.75 -35.59
C LEU A 152 0.26 11.58 -35.90
N VAL A 153 1.17 11.62 -34.92
CA VAL A 153 2.43 12.35 -35.02
C VAL A 153 3.51 11.28 -34.97
N PRO A 154 4.15 10.94 -36.09
CA PRO A 154 5.18 9.88 -36.09
C PRO A 154 6.55 10.36 -35.61
N LEU A 155 7.28 9.51 -34.86
CA LEU A 155 8.61 9.94 -34.45
C LEU A 155 9.65 8.88 -34.80
N LYS A 156 10.89 9.34 -34.92
CA LYS A 156 12.01 8.50 -35.33
C LYS A 156 12.63 7.81 -34.12
N ILE A 157 11.81 7.02 -33.41
CA ILE A 157 12.18 6.53 -32.09
C ILE A 157 11.97 5.02 -32.02
N THR A 158 12.74 4.40 -31.11
CA THR A 158 12.68 2.97 -30.82
C THR A 158 12.40 2.66 -29.36
N THR A 159 13.09 3.29 -28.41
CA THR A 159 12.91 2.98 -26.99
C THR A 159 12.18 4.09 -26.27
N GLU A 160 11.82 3.79 -25.02
CA GLU A 160 11.02 4.70 -24.22
C GLU A 160 11.72 6.04 -24.03
N LYS A 161 13.04 6.03 -23.76
CA LYS A 161 13.74 7.30 -23.56
C LYS A 161 13.61 8.16 -24.79
N GLU A 162 14.03 7.65 -25.94
CA GLU A 162 13.91 8.43 -27.16
C GLU A 162 12.51 8.99 -27.31
N LEU A 163 11.50 8.30 -26.77
CA LEU A 163 10.15 8.88 -26.75
C LEU A 163 10.09 10.06 -25.80
N ILE A 164 10.42 9.82 -24.54
CA ILE A 164 10.29 10.87 -23.53
C ILE A 164 11.07 12.09 -23.95
N LYS A 165 12.28 11.87 -24.47
CA LYS A 165 13.13 12.96 -24.92
C LYS A 165 12.56 13.60 -26.20
N GLU A 166 12.17 12.77 -27.18
CA GLU A 166 11.54 13.35 -28.36
C GLU A 166 10.31 14.15 -27.99
N LEU A 167 9.64 13.75 -26.90
CA LEU A 167 8.55 14.57 -26.40
C LEU A 167 9.10 15.83 -25.74
N GLY A 168 10.35 15.79 -25.26
CA GLY A 168 10.98 16.97 -24.69
C GLY A 168 10.91 17.04 -23.17
N PHE A 169 11.16 15.92 -22.51
CA PHE A 169 11.00 15.84 -21.06
C PHE A 169 12.18 15.13 -20.43
N THR A 170 12.42 15.45 -19.16
CA THR A 170 13.37 14.69 -18.37
C THR A 170 13.08 13.21 -18.50
N TYR A 171 14.09 12.45 -18.92
CA TYR A 171 14.08 11.02 -18.78
C TYR A 171 14.62 10.70 -17.42
N ARG A 172 13.93 9.78 -16.73
CA ARG A 172 14.36 9.23 -15.46
C ARG A 172 13.95 7.77 -15.34
N ILE A 173 14.66 7.01 -14.52
CA ILE A 173 14.34 5.60 -14.25
C ILE A 173 13.03 5.43 -13.48
N PRO A 174 12.42 4.26 -13.59
CA PRO A 174 11.04 4.11 -13.13
C PRO A 174 10.88 4.11 -11.62
N LYS A 175 11.98 4.08 -10.87
CA LYS A 175 11.88 4.07 -9.41
C LYS A 175 11.26 5.37 -8.90
N LYS A 176 11.81 6.53 -9.32
CA LYS A 176 11.39 7.82 -8.81
C LYS A 176 10.57 8.65 -9.80
N ARG A 177 9.87 7.98 -10.71
CA ARG A 177 9.06 8.67 -11.71
C ARG A 177 7.87 9.39 -11.06
N LEU A 178 7.89 10.71 -11.19
CA LEU A 178 6.86 11.57 -10.64
C LEU A 178 6.67 12.85 -11.44
N GLY B 3 3.94 5.19 0.78
CA GLY B 3 3.51 5.98 1.92
C GLY B 3 4.50 7.05 2.32
N GLY B 4 4.07 8.31 2.25
CA GLY B 4 4.95 9.48 2.23
C GLY B 4 5.05 10.20 3.56
N MET B 5 5.11 11.53 3.49
CA MET B 5 5.39 12.36 4.65
C MET B 5 4.31 13.43 4.77
N LEU B 6 4.10 13.92 5.99
CA LEU B 6 2.92 14.74 6.25
C LEU B 6 3.12 15.72 7.39
N THR B 7 2.35 16.80 7.32
CA THR B 7 2.41 17.88 8.28
C THR B 7 1.45 17.63 9.43
N LEU B 8 1.62 18.41 10.50
CA LEU B 8 0.77 18.22 11.67
C LEU B 8 -0.65 18.67 11.40
N ILE B 9 -0.80 19.71 10.58
CA ILE B 9 -2.14 20.11 10.18
C ILE B 9 -2.77 19.02 9.31
N GLN B 10 -1.97 18.43 8.42
CA GLN B 10 -2.43 17.30 7.61
C GLN B 10 -2.89 16.14 8.49
N GLY B 11 -1.98 15.61 9.32
CA GLY B 11 -2.36 14.52 10.22
C GLY B 11 -3.63 14.82 10.98
N LYS B 12 -3.69 15.99 11.62
CA LYS B 12 -4.85 16.37 12.40
C LYS B 12 -6.12 16.32 11.57
N LYS B 13 -6.06 16.79 10.32
CA LYS B 13 -7.22 16.72 9.44
C LYS B 13 -7.66 15.27 9.23
N ILE B 14 -6.71 14.38 8.96
CA ILE B 14 -7.07 13.00 8.66
C ILE B 14 -7.62 12.32 9.89
N VAL B 15 -6.92 12.46 11.03
CA VAL B 15 -7.32 11.79 12.26
C VAL B 15 -8.70 12.25 12.68
N ASN B 16 -8.99 13.53 12.45
CA ASN B 16 -10.31 14.03 12.78
C ASN B 16 -11.36 13.35 11.94
N HIS B 17 -11.02 13.09 10.68
CA HIS B 17 -11.95 12.45 9.77
C HIS B 17 -12.28 11.01 10.21
N LEU B 18 -11.25 10.22 10.57
CA LEU B 18 -11.50 8.81 10.85
C LEU B 18 -12.42 8.52 12.03
N ARG B 19 -12.56 9.44 13.01
CA ARG B 19 -13.13 8.96 14.27
C ARG B 19 -14.64 8.80 14.23
N SER B 20 -15.33 9.35 13.23
CA SER B 20 -16.72 8.96 12.98
C SER B 20 -16.81 7.62 12.25
N ARG B 21 -15.78 7.27 11.51
CA ARG B 21 -15.86 6.31 10.41
C ARG B 21 -15.09 5.02 10.67
N LEU B 22 -15.01 4.55 11.90
CA LEU B 22 -14.37 3.27 12.10
C LEU B 22 -15.35 2.24 12.62
N ALA B 23 -15.04 0.99 12.28
CA ALA B 23 -15.94 -0.14 12.49
C ALA B 23 -15.24 -1.42 12.08
N PHE B 24 -15.73 -2.52 12.65
CA PHE B 24 -15.28 -3.86 12.30
C PHE B 24 -16.50 -4.72 12.07
N GLU B 25 -16.32 -5.80 11.30
CA GLU B 25 -17.39 -6.73 10.98
C GLU B 25 -17.36 -7.89 11.97
N TYR B 26 -18.23 -7.83 12.99
CA TYR B 26 -18.38 -8.86 14.01
C TYR B 26 -19.60 -9.73 13.68
N ASN B 27 -19.34 -10.92 13.14
CA ASN B 27 -20.38 -11.90 12.79
C ASN B 27 -21.52 -11.23 12.02
N GLY B 28 -21.18 -10.71 10.83
CA GLY B 28 -22.19 -10.09 9.99
C GLY B 28 -22.30 -8.59 10.17
N GLN B 29 -23.26 -8.18 11.02
CA GLN B 29 -23.45 -6.77 11.33
C GLN B 29 -22.17 -6.17 11.91
N LEU B 30 -21.69 -5.11 11.27
CA LEU B 30 -20.41 -4.50 11.57
C LEU B 30 -20.60 -3.35 12.56
N ILE B 31 -19.76 -3.31 13.60
CA ILE B 31 -19.96 -2.43 14.75
C ILE B 31 -19.03 -1.24 14.67
N LYS B 32 -19.58 -0.04 14.88
CA LYS B 32 -18.86 1.20 14.64
C LYS B 32 -18.01 1.56 15.87
N ILE B 33 -16.71 1.71 15.68
CA ILE B 33 -15.80 2.00 16.80
C ILE B 33 -16.00 3.43 17.28
N LEU B 34 -16.39 3.55 18.54
CA LEU B 34 -16.78 4.81 19.16
C LEU B 34 -15.53 5.60 19.56
N SER B 35 -15.64 6.94 19.49
CA SER B 35 -14.44 7.77 19.45
C SER B 35 -13.76 7.96 20.81
N LYS B 36 -14.47 7.77 21.93
CA LYS B 36 -13.78 7.65 23.20
C LYS B 36 -12.81 6.48 23.22
N ASN B 37 -12.74 5.68 22.14
CA ASN B 37 -11.93 4.47 22.16
C ASN B 37 -10.85 4.48 21.10
N ILE B 38 -10.57 5.64 20.52
CA ILE B 38 -9.45 5.81 19.62
C ILE B 38 -8.66 7.05 20.01
N VAL B 39 -7.33 6.97 19.96
CA VAL B 39 -6.45 8.00 20.52
C VAL B 39 -5.24 8.22 19.61
N ALA B 40 -5.05 9.46 19.17
CA ALA B 40 -3.90 9.77 18.35
C ALA B 40 -2.62 9.57 19.16
N VAL B 41 -1.61 9.00 18.53
CA VAL B 41 -0.44 8.48 19.22
C VAL B 41 0.76 8.70 18.32
N GLY B 42 1.96 8.27 18.76
CA GLY B 42 3.20 8.50 18.06
C GLY B 42 3.41 9.99 17.80
N SER B 43 4.36 10.25 16.92
CA SER B 43 4.74 11.59 16.52
C SER B 43 3.59 12.58 16.45
N LEU B 44 2.41 12.16 15.97
CA LEU B 44 1.29 13.09 15.93
C LEU B 44 0.96 13.62 17.31
N ARG B 45 0.96 12.75 18.33
CA ARG B 45 0.60 13.22 19.65
C ARG B 45 1.74 14.03 20.27
N ARG B 46 2.98 13.71 19.92
CA ARG B 46 4.12 14.53 20.32
C ARG B 46 4.16 15.85 19.57
N GLU B 47 3.17 16.10 18.72
CA GLU B 47 2.98 17.37 18.03
C GLU B 47 4.19 17.78 17.22
N GLU B 48 5.07 16.84 16.91
CA GLU B 48 6.19 17.11 16.04
C GLU B 48 5.66 17.47 14.65
N LYS B 49 6.39 18.34 13.95
CA LYS B 49 5.86 18.94 12.73
C LYS B 49 5.73 17.96 11.59
N MET B 50 6.73 17.11 11.35
CA MET B 50 6.69 16.24 10.18
C MET B 50 6.53 14.78 10.57
N LEU B 51 5.52 14.19 9.94
CA LEU B 51 4.96 12.88 10.18
C LEU B 51 5.34 12.00 9.01
N ASN B 52 5.84 10.79 9.29
CA ASN B 52 5.95 9.77 8.27
C ASN B 52 4.71 8.90 8.19
N ASP B 53 3.91 8.87 9.25
CA ASP B 53 2.75 8.02 9.33
C ASP B 53 1.93 8.48 10.51
N VAL B 54 0.65 8.14 10.48
CA VAL B 54 -0.24 8.40 11.61
C VAL B 54 -0.52 7.09 12.30
N ASP B 55 -0.39 7.10 13.62
CA ASP B 55 -0.47 5.95 14.50
C ASP B 55 -1.68 6.18 15.38
N LEU B 56 -2.58 5.20 15.44
CA LEU B 56 -3.74 5.35 16.31
C LEU B 56 -3.97 4.07 17.08
N LEU B 57 -4.67 4.22 18.20
CA LEU B 57 -4.70 3.19 19.21
C LEU B 57 -6.14 2.93 19.59
N ILE B 58 -6.61 1.71 19.36
CA ILE B 58 -7.99 1.33 19.62
C ILE B 58 -8.09 0.54 20.92
N ILE B 59 -9.02 0.92 21.77
CA ILE B 59 -9.32 0.17 22.96
C ILE B 59 -10.59 -0.60 22.67
N VAL B 60 -10.46 -1.89 22.47
CA VAL B 60 -11.63 -2.75 22.42
C VAL B 60 -11.98 -2.97 23.89
N PRO B 61 -13.26 -2.78 24.28
CA PRO B 61 -13.61 -2.89 25.71
C PRO B 61 -14.11 -4.26 26.18
N GLU B 62 -13.90 -5.31 25.38
CA GLU B 62 -14.05 -6.65 25.91
C GLU B 62 -12.98 -7.52 25.27
N LYS B 63 -12.46 -8.48 26.04
CA LYS B 63 -11.34 -9.29 25.56
C LYS B 63 -11.71 -10.14 24.34
N LYS B 64 -12.96 -10.58 24.23
CA LYS B 64 -13.27 -11.58 23.22
C LYS B 64 -13.45 -11.01 21.80
N LEU B 65 -12.98 -9.79 21.53
CA LEU B 65 -13.03 -9.23 20.18
C LEU B 65 -11.68 -8.97 19.53
N LEU B 66 -10.57 -9.19 20.24
CA LEU B 66 -9.29 -8.90 19.62
C LEU B 66 -9.01 -9.77 18.42
N LYS B 67 -9.53 -11.01 18.42
CA LYS B 67 -9.37 -11.86 17.25
C LYS B 67 -10.01 -11.26 16.02
N HIS B 68 -10.91 -10.30 16.19
CA HIS B 68 -11.79 -9.90 15.12
C HIS B 68 -11.59 -8.47 14.67
N VAL B 69 -11.27 -7.56 15.59
CA VAL B 69 -11.54 -6.15 15.34
C VAL B 69 -10.54 -5.60 14.35
N LEU B 70 -9.42 -6.25 14.17
CA LEU B 70 -8.47 -5.65 13.26
C LEU B 70 -8.31 -6.37 11.93
N PRO B 71 -8.27 -7.69 11.87
CA PRO B 71 -8.22 -8.30 10.54
C PRO B 71 -9.53 -8.14 9.77
N ASN B 72 -10.62 -7.78 10.45
CA ASN B 72 -11.90 -7.45 9.83
C ASN B 72 -12.22 -5.95 9.97
N ILE B 73 -11.22 -5.11 9.76
CA ILE B 73 -11.33 -3.67 9.99
C ILE B 73 -11.82 -3.01 8.71
N ARG B 74 -12.64 -1.98 8.88
CA ARG B 74 -13.08 -1.11 7.79
C ARG B 74 -13.20 0.37 8.20
N ILE B 75 -13.04 1.26 7.22
CA ILE B 75 -13.23 2.70 7.38
C ILE B 75 -14.25 3.15 6.36
N LYS B 76 -15.33 3.77 6.84
CA LYS B 76 -16.39 4.16 5.92
C LYS B 76 -15.85 5.21 4.94
N GLY B 77 -16.25 5.07 3.69
CA GLY B 77 -15.94 6.05 2.67
C GLY B 77 -14.50 6.38 2.33
N LEU B 78 -13.61 5.40 2.24
CA LEU B 78 -12.30 5.69 1.66
C LEU B 78 -11.57 4.37 1.35
N SER B 79 -10.84 4.37 0.24
CA SER B 79 -10.08 3.23 -0.25
C SER B 79 -8.82 2.98 0.57
N PHE B 80 -8.36 1.73 0.59
CA PHE B 80 -7.06 1.40 1.19
C PHE B 80 -6.58 0.00 0.83
N SER B 81 -5.25 -0.17 0.82
CA SER B 81 -4.56 -1.45 0.89
C SER B 81 -4.28 -1.81 2.35
N VAL B 82 -3.88 -3.05 2.58
CA VAL B 82 -3.28 -3.48 3.84
C VAL B 82 -1.91 -4.01 3.47
N LYS B 83 -0.95 -3.74 4.35
CA LYS B 83 0.39 -4.30 4.18
C LYS B 83 0.60 -5.50 5.07
N VAL B 84 -0.02 -5.48 6.25
CA VAL B 84 0.04 -6.56 7.24
C VAL B 84 -1.13 -6.35 8.18
N CYS B 85 -1.59 -7.41 8.86
CA CYS B 85 -2.69 -7.24 9.80
C CYS B 85 -2.73 -8.39 10.77
N GLY B 86 -3.27 -8.11 11.95
CA GLY B 86 -3.29 -9.09 13.03
C GLY B 86 -4.23 -8.65 14.12
N GLU B 87 -4.24 -9.41 15.22
CA GLU B 87 -5.16 -9.05 16.29
C GLU B 87 -4.81 -7.71 16.90
N ARG B 88 -3.52 -7.39 16.96
CA ARG B 88 -3.11 -6.27 17.78
C ARG B 88 -2.18 -5.29 17.10
N LYS B 89 -1.74 -5.57 15.88
CA LYS B 89 -1.19 -4.50 15.06
C LYS B 89 -1.53 -4.77 13.61
N CYS B 90 -1.85 -3.70 12.89
CA CYS B 90 -2.36 -3.79 11.53
C CYS B 90 -1.96 -2.50 10.83
N VAL B 91 -1.04 -2.59 9.87
CA VAL B 91 -0.50 -1.41 9.21
C VAL B 91 -1.05 -1.36 7.80
N LEU B 92 -1.57 -0.20 7.41
CA LEU B 92 -2.23 -0.04 6.12
C LEU B 92 -1.87 1.30 5.49
N PHE B 93 -1.95 1.34 4.15
CA PHE B 93 -1.77 2.55 3.36
C PHE B 93 -3.11 3.09 2.87
N ILE B 94 -3.22 4.41 2.79
CA ILE B 94 -4.46 5.08 2.45
C ILE B 94 -4.24 6.00 1.25
N GLU B 95 -5.35 6.36 0.62
CA GLU B 95 -5.40 7.35 -0.45
C GLU B 95 -6.19 8.55 0.04
N TRP B 96 -5.45 9.59 0.44
CA TRP B 96 -6.00 10.85 0.94
C TRP B 96 -5.58 11.96 0.00
N GLU B 97 -6.51 12.83 -0.37
CA GLU B 97 -6.14 13.98 -1.18
C GLU B 97 -5.33 13.51 -2.40
N LYS B 98 -5.71 12.36 -2.97
CA LYS B 98 -4.97 11.85 -4.12
C LYS B 98 -3.48 11.62 -3.82
N LYS B 99 -3.17 11.19 -2.59
CA LYS B 99 -1.80 10.77 -2.26
C LYS B 99 -1.83 9.58 -1.30
N THR B 100 -0.70 8.88 -1.22
CA THR B 100 -0.56 7.64 -0.46
C THR B 100 0.32 7.87 0.76
N TYR B 101 -0.23 7.63 1.95
CA TYR B 101 0.46 7.77 3.23
C TYR B 101 0.17 6.52 4.06
N GLN B 102 1.01 6.25 5.06
CA GLN B 102 0.89 5.00 5.80
C GLN B 102 0.28 5.24 7.17
N LEU B 103 -0.54 4.28 7.61
CA LEU B 103 -1.31 4.35 8.84
C LEU B 103 -1.08 3.09 9.65
N ASP B 104 -0.38 3.19 10.78
CA ASP B 104 -0.29 2.05 11.68
C ASP B 104 -1.49 2.05 12.63
N LEU B 105 -1.86 0.87 13.14
CA LEU B 105 -2.86 0.73 14.19
C LEU B 105 -2.52 -0.44 15.12
N PHE B 106 -2.97 -0.32 16.36
CA PHE B 106 -2.63 -1.25 17.42
C PHE B 106 -3.82 -1.34 18.35
N THR B 107 -3.98 -2.48 18.99
CA THR B 107 -5.15 -2.67 19.83
C THR B 107 -4.66 -2.88 21.25
N ALA B 108 -5.45 -2.39 22.19
CA ALA B 108 -5.17 -2.73 23.58
C ALA B 108 -6.47 -2.66 24.33
N LEU B 109 -6.52 -3.45 25.40
CA LEU B 109 -7.69 -3.61 26.26
C LEU B 109 -7.77 -2.48 27.27
N ALA B 110 -8.98 -2.28 27.81
CA ALA B 110 -9.22 -1.14 28.68
C ALA B 110 -8.31 -1.18 29.92
N GLU B 111 -8.10 -2.39 30.44
CA GLU B 111 -7.14 -2.61 31.52
C GLU B 111 -5.72 -2.23 31.09
N GLU B 112 -5.42 -2.28 29.80
CA GLU B 112 -4.08 -2.00 29.28
C GLU B 112 -3.87 -0.53 28.96
N LYS B 113 -4.92 0.29 29.02
CA LYS B 113 -4.98 1.58 28.35
C LYS B 113 -3.69 2.38 28.51
N PRO B 114 -3.40 2.89 29.71
CA PRO B 114 -2.37 3.93 29.84
C PRO B 114 -0.98 3.47 29.42
N TYR B 115 -0.61 2.20 29.63
CA TYR B 115 0.75 1.80 29.26
C TYR B 115 0.94 1.80 27.75
N ALA B 116 -0.13 1.48 27.02
CA ALA B 116 -0.08 1.55 25.57
C ALA B 116 0.15 2.98 25.08
N ILE B 117 -0.61 3.96 25.61
CA ILE B 117 -0.35 5.33 25.19
C ILE B 117 1.10 5.72 25.51
N PHE B 118 1.59 5.40 26.70
CA PHE B 118 2.96 5.78 26.99
C PHE B 118 3.91 5.06 26.05
N PHE B 119 3.72 3.75 25.86
CA PHE B 119 4.62 3.00 24.99
C PHE B 119 4.60 3.54 23.57
N PHE B 120 3.41 3.84 23.05
CA PHE B 120 3.33 4.16 21.63
C PHE B 120 3.55 5.64 21.33
N THR B 121 3.55 6.51 22.34
CA THR B 121 3.83 7.91 22.02
C THR B 121 5.31 8.16 21.77
N GLY B 122 6.22 7.36 22.34
CA GLY B 122 7.62 7.55 22.06
C GLY B 122 8.16 8.83 22.66
N PRO B 123 9.25 9.36 22.07
CA PRO B 123 9.91 8.77 20.90
C PRO B 123 10.83 7.61 21.28
N VAL B 124 11.45 6.96 20.28
CA VAL B 124 12.24 5.75 20.52
C VAL B 124 13.22 5.98 21.67
N SER B 125 13.93 7.11 21.63
CA SER B 125 14.94 7.34 22.64
C SER B 125 14.29 7.32 24.02
N TYR B 126 13.14 7.99 24.16
CA TYR B 126 12.55 8.14 25.49
C TYR B 126 12.22 6.78 26.09
N LEU B 127 11.64 5.88 25.29
CA LEU B 127 11.31 4.55 25.79
C LEU B 127 12.55 3.71 26.03
N ILE B 128 13.50 3.70 25.09
CA ILE B 128 14.72 2.92 25.31
C ILE B 128 15.37 3.36 26.61
N ARG B 129 15.59 4.67 26.73
CA ARG B 129 16.21 5.24 27.93
C ARG B 129 15.43 4.88 29.19
N ILE B 130 14.12 5.16 29.19
CA ILE B 130 13.40 5.15 30.46
C ILE B 130 13.17 3.73 30.88
N ARG B 131 13.20 2.82 29.89
CA ARG B 131 13.10 1.35 30.12
C ARG B 131 14.29 0.61 30.78
N ALA B 132 15.50 0.89 30.30
CA ALA B 132 16.76 0.42 30.88
C ALA B 132 16.88 0.83 32.34
N ALA B 133 16.32 2.00 32.67
CA ALA B 133 16.28 2.45 34.04
C ALA B 133 15.62 1.41 34.94
N LEU B 134 14.45 0.90 34.54
CA LEU B 134 13.77 -0.08 35.39
C LEU B 134 14.39 -1.47 35.23
N LYS B 135 14.99 -1.76 34.08
CA LYS B 135 15.73 -3.00 33.96
C LYS B 135 16.77 -3.11 35.06
N LYS B 136 17.40 -1.97 35.38
CA LYS B 136 18.31 -1.86 36.53
C LYS B 136 17.59 -2.19 37.84
N LYS B 137 16.29 -1.90 37.91
CA LYS B 137 15.47 -2.27 39.06
C LYS B 137 14.85 -3.65 38.92
N ASN B 138 15.35 -4.49 37.99
CA ASN B 138 14.77 -5.79 37.70
C ASN B 138 13.27 -5.70 37.43
N TYR B 139 12.86 -4.67 36.70
CA TYR B 139 11.49 -4.59 36.21
C TYR B 139 11.52 -4.43 34.70
N LYS B 140 10.34 -4.63 34.09
CA LYS B 140 10.13 -4.61 32.64
C LYS B 140 8.80 -3.95 32.37
N LEU B 141 8.77 -2.96 31.48
CA LEU B 141 7.55 -2.23 31.14
C LEU B 141 7.28 -2.36 29.65
N ASN B 142 6.03 -2.69 29.28
CA ASN B 142 5.70 -2.94 27.89
C ASN B 142 4.29 -2.43 27.58
N GLN B 143 3.88 -2.63 26.33
CA GLN B 143 2.54 -2.34 25.82
C GLN B 143 1.46 -2.69 26.82
N TYR B 144 1.61 -3.83 27.48
CA TYR B 144 0.51 -4.43 28.22
C TYR B 144 0.60 -4.19 29.71
N GLY B 145 1.80 -4.08 30.28
CA GLY B 145 1.91 -3.96 31.72
C GLY B 145 3.31 -3.59 32.18
N LEU B 146 3.47 -3.67 33.50
CA LEU B 146 4.77 -3.69 34.16
C LEU B 146 4.89 -5.01 34.95
N PHE B 147 6.08 -5.62 34.92
CA PHE B 147 6.26 -6.94 35.51
C PHE B 147 7.61 -7.03 36.22
N LYS B 148 7.70 -8.02 37.12
CA LYS B 148 8.96 -8.52 37.66
C LYS B 148 8.81 -9.96 38.17
N ASN B 149 9.91 -10.72 38.19
CA ASN B 149 9.93 -12.04 38.84
C ASN B 149 8.81 -12.97 38.40
N GLN B 150 8.58 -13.02 37.09
CA GLN B 150 7.47 -13.77 36.48
C GLN B 150 6.00 -13.42 36.87
N THR B 151 5.66 -12.14 37.04
CA THR B 151 4.25 -11.77 37.34
C THR B 151 3.84 -10.34 36.93
N LEU B 152 2.53 -10.09 36.79
CA LEU B 152 2.04 -8.74 36.60
C LEU B 152 1.88 -8.00 37.94
N VAL B 153 1.86 -6.69 37.84
CA VAL B 153 1.80 -5.78 38.97
C VAL B 153 0.50 -4.97 38.96
N PRO B 154 -0.41 -5.21 39.89
CA PRO B 154 -1.60 -4.34 39.94
C PRO B 154 -1.22 -3.03 40.59
N LEU B 155 -1.69 -1.92 40.00
CA LEU B 155 -1.32 -0.60 40.51
C LEU B 155 -2.53 0.29 40.73
N LYS B 156 -2.29 1.28 41.61
CA LYS B 156 -3.28 2.24 42.08
C LYS B 156 -3.35 3.39 41.08
N ILE B 157 -3.71 3.03 39.84
CA ILE B 157 -3.54 3.87 38.67
C ILE B 157 -4.80 3.91 37.80
N THR B 158 -5.03 5.07 37.13
CA THR B 158 -6.06 5.16 36.10
C THR B 158 -5.54 5.81 34.82
N THR B 159 -4.87 6.96 34.89
CA THR B 159 -4.46 7.64 33.67
C THR B 159 -2.96 7.52 33.46
N GLU B 160 -2.53 7.90 32.25
CA GLU B 160 -1.12 7.86 31.90
C GLU B 160 -0.32 8.81 32.79
N LYS B 161 -0.87 10.00 33.03
CA LYS B 161 -0.16 11.03 33.80
C LYS B 161 0.18 10.52 35.18
N GLU B 162 -0.84 10.22 35.97
CA GLU B 162 -0.60 9.59 37.25
C GLU B 162 0.12 8.25 37.09
N LEU B 163 0.11 7.65 35.90
CA LEU B 163 0.83 6.40 35.72
C LEU B 163 2.33 6.61 35.81
N ILE B 164 2.89 7.44 34.94
CA ILE B 164 4.33 7.62 34.87
C ILE B 164 4.89 8.04 36.21
N LYS B 165 4.13 8.81 36.99
CA LYS B 165 4.62 9.30 38.28
C LYS B 165 4.86 8.14 39.23
N GLU B 166 3.86 7.27 39.38
CA GLU B 166 4.01 6.04 40.15
C GLU B 166 5.15 5.19 39.62
N LEU B 167 5.54 5.38 38.35
CA LEU B 167 6.73 4.69 37.88
C LEU B 167 7.98 5.27 38.52
N GLY B 168 7.92 6.53 38.91
CA GLY B 168 9.06 7.17 39.53
C GLY B 168 9.84 7.91 38.49
N PHE B 169 9.12 8.57 37.59
CA PHE B 169 9.72 9.29 36.50
C PHE B 169 9.04 10.64 36.40
N THR B 170 9.82 11.65 36.06
CA THR B 170 9.27 12.97 35.78
C THR B 170 8.26 12.90 34.65
N TYR B 171 7.16 13.63 34.81
CA TYR B 171 6.15 13.81 33.76
C TYR B 171 6.44 15.01 32.86
N ARG B 172 6.30 14.83 31.55
CA ARG B 172 6.06 15.95 30.63
C ARG B 172 4.87 15.65 29.73
N ILE B 173 4.33 16.72 29.15
CA ILE B 173 3.48 16.65 27.97
C ILE B 173 4.22 15.82 26.91
N PRO B 174 3.57 15.39 25.83
CA PRO B 174 4.31 14.52 24.90
C PRO B 174 5.12 15.29 23.88
N LYS B 175 4.98 16.60 23.77
CA LYS B 175 5.83 17.30 22.81
C LYS B 175 7.27 17.23 23.25
N LYS B 176 7.55 17.70 24.47
CA LYS B 176 8.87 17.76 25.07
C LYS B 176 9.34 16.44 25.66
N ARG B 177 8.73 15.30 25.30
CA ARG B 177 9.29 14.07 25.85
C ARG B 177 10.49 13.66 25.04
N LEU B 178 11.51 13.22 25.79
CA LEU B 178 12.81 12.81 25.28
C LEU B 178 13.48 11.94 26.34
PG DGT I . -0.31 -0.71 -7.74
O1G DGT I . -1.37 0.22 -7.20
O2G DGT I . 0.52 -1.25 -6.58
O3G DGT I . -0.94 -1.87 -8.50
O3B DGT I . 0.66 0.16 -8.68
PB DGT I . 0.19 0.51 -10.14
O1B DGT I . 0.44 1.98 -10.42
O2B DGT I . 0.87 -0.41 -11.16
O3A DGT I . -1.39 0.20 -10.01
PA DGT I . -2.31 -0.17 -11.29
O1A DGT I . -3.78 0.22 -11.17
O2A DGT I . -2.23 -1.68 -11.47
O5' DGT I . -1.69 0.69 -12.52
C5' DGT I . -1.43 0.13 -13.79
C4' DGT I . -0.91 1.27 -14.66
O4' DGT I . -1.97 1.82 -15.40
C3' DGT I . -0.41 2.43 -13.80
O3' DGT I . 0.95 2.27 -13.45
C2' DGT I . -0.61 3.63 -14.70
C1' DGT I . -1.73 3.19 -15.64
N9 DGT I . -2.90 4.04 -15.41
C8 DGT I . -3.46 4.85 -16.38
N7 DGT I . -4.49 5.53 -15.81
C5 DGT I . -4.62 5.18 -14.50
C6 DGT I . -5.51 5.59 -13.50
O6 DGT I . -6.40 6.42 -13.74
N1 DGT I . -5.41 5.08 -12.23
C2 DGT I . -4.41 4.16 -11.97
N2 DGT I . -4.33 3.68 -10.73
N3 DGT I . -3.51 3.74 -12.97
C4 DGT I . -3.61 4.25 -14.24
MN MN J . -0.22 -2.44 -10.49
MN MN K . -3.21 -2.68 -12.52
S SO4 L . 11.01 -0.11 -24.87
O1 SO4 L . 9.61 0.20 -24.63
O2 SO4 L . 11.31 0.33 -26.23
O3 SO4 L . 11.83 0.59 -23.88
O4 SO4 L . 11.32 -1.50 -24.62
S SO4 M . -6.56 14.26 -31.15
O1 SO4 M . -7.30 15.10 -32.11
O2 SO4 M . -6.23 12.97 -31.77
O3 SO4 M . -7.41 14.08 -29.97
O4 SO4 M . -5.31 14.89 -30.75
PG DGT N . 7.00 9.22 12.95
O1G DGT N . 8.21 8.41 12.55
O2G DGT N . 7.01 10.58 12.26
O3G DGT N . 5.67 8.57 12.62
O3B DGT N . 7.20 9.42 14.53
PB DGT N . 6.84 8.21 15.49
O1B DGT N . 7.58 8.25 16.81
O2B DGT N . 5.34 8.17 15.70
O3A DGT N . 7.34 7.02 14.53
PA DGT N . 6.56 5.63 14.51
O1A DGT N . 7.32 4.46 13.89
O2A DGT N . 5.24 5.88 13.85
O5' DGT N . 6.38 5.36 16.10
C5' DGT N . 5.28 4.66 16.61
C4' DGT N . 5.71 4.25 18.02
O4' DGT N . 6.44 3.04 17.98
C3' DGT N . 6.71 5.23 18.60
O3' DGT N . 6.01 6.31 19.18
C2' DGT N . 7.47 4.40 19.62
C1' DGT N . 7.27 2.97 19.13
N9 DGT N . 8.53 2.28 18.81
C8 DGT N . 8.93 1.12 19.40
N7 DGT N . 10.13 0.73 18.87
C5 DGT N . 10.50 1.62 17.93
C6 DGT N . 11.64 1.68 17.11
O6 DGT N . 12.52 0.82 17.19
N1 DGT N . 11.79 2.72 16.22
C2 DGT N . 10.79 3.67 16.15
N2 DGT N . 10.93 4.68 15.28
N3 DGT N . 9.68 3.63 16.99
C4 DGT N . 9.52 2.60 17.87
MN MN O . 4.41 7.43 13.63
MN MN P . 4.48 4.01 12.65
S SO4 Q . -4.99 7.40 29.60
O1 SO4 Q . -5.92 7.26 28.49
O2 SO4 Q . -3.66 7.42 29.01
O3 SO4 Q . -5.32 8.70 30.19
O4 SO4 Q . -5.13 6.30 30.57
S SO4 R . 9.29 -10.73 33.84
O1 SO4 R . 10.09 -11.92 34.14
O2 SO4 R . 8.98 -10.75 32.41
O3 SO4 R . 8.05 -10.80 34.63
O4 SO4 R . 10.00 -9.50 34.20
#